data_1SSJ
#
_entry.id   1SSJ
#
loop_
_entity.id
_entity.type
_entity.pdbx_description
1 polymer "5'-D(*CP*CP*AP*CP*(HOB)P*GP*GP*AP*AP*C)-3'"
2 polymer "5'-D(GP*TP*TP*CP*CP*GP*GP*TP*GP*G)-3'"
#
loop_
_entity_poly.entity_id
_entity_poly.type
_entity_poly.pdbx_seq_one_letter_code
_entity_poly.pdbx_strand_id
1 'polydeoxyribonucleotide' (DC)(DC)(DA)(DC)(HOB)(DG)(DG)(DA)(DA)(DC) A
2 'polydeoxyribonucleotide' (DG)(DT)(DT)(DC)(DC)(DG)(DG)(DT)(DG)(DG) B
#